data_4NE4
#
_entry.id   4NE4
#
_cell.length_a   45.888
_cell.length_b   64.388
_cell.length_c   100.746
_cell.angle_alpha   90.000
_cell.angle_beta   90.000
_cell.angle_gamma   90.000
#
_symmetry.space_group_name_H-M   'P 21 21 21'
#
loop_
_entity.id
_entity.type
_entity.pdbx_description
1 polymer 'ABC transporter, substrate binding protein (Proline/glycine/betaine)'
2 non-polymer 2-[BIS-(2-HYDROXY-ETHYL)-AMINO]-2-HYDROXYMETHYL-PROPANE-1,3-DIOL
3 non-polymer 'CHLORIDE ION'
4 water water
#
_entity_poly.entity_id   1
_entity_poly.type   'polypeptide(L)'
_entity_poly.pdbx_seq_one_letter_code
;VSIAQAQVVVSSKIDTEGGVLGNIILAVLNQNKIETTDRIQLGATPVVRKAITAGEIDIYPEYTGNAAFFFSKADDPLWK
DAAKGYEEAKTLDYDANKIVWLAPSPANNTWAIALRKDVADKNNLKTLSDFGKYVAGGGTVVLAASSEFVNSAAALPAFQ
TTYGFT(MSE)KPDQLITLSGGDTAATIAAAANQTNNANAA(MSE)VYGTDGGIAPSGLVVLEDDKHVQPVYQPAPIIRE
EVLKKHPNIEELLKPVFEKLDLATLQDLNARVQVGGEQAKTVA(MSE)DFLTKNGFAK
;
_entity_poly.pdbx_strand_id   A
#
loop_
_chem_comp.id
_chem_comp.type
_chem_comp.name
_chem_comp.formula
BTB non-polymer 2-[BIS-(2-HYDROXY-ETHYL)-AMINO]-2-HYDROXYMETHYL-PROPANE-1,3-DIOL 'C8 H19 N O5'
CL non-polymer 'CHLORIDE ION' 'Cl -1'
#
# COMPACT_ATOMS: atom_id res chain seq x y z
N ALA A 6 -2.46 -2.74 -31.82
CA ALA A 6 -1.91 -3.61 -30.74
C ALA A 6 -2.63 -3.32 -29.43
N GLN A 7 -3.01 -4.37 -28.72
CA GLN A 7 -3.69 -4.19 -27.46
CA GLN A 7 -3.68 -4.24 -27.44
C GLN A 7 -2.66 -3.87 -26.38
N VAL A 8 -3.05 -2.99 -25.45
CA VAL A 8 -2.19 -2.64 -24.31
C VAL A 8 -2.31 -3.75 -23.27
N VAL A 9 -1.19 -4.35 -22.89
CA VAL A 9 -1.18 -5.47 -21.98
C VAL A 9 -1.13 -4.97 -20.53
N VAL A 10 -2.23 -5.17 -19.79
CA VAL A 10 -2.33 -4.70 -18.42
C VAL A 10 -2.05 -5.86 -17.47
N SER A 11 -1.24 -5.60 -16.45
CA SER A 11 -0.89 -6.63 -15.49
C SER A 11 -0.91 -6.06 -14.06
N SER A 12 -0.46 -6.87 -13.11
CA SER A 12 -0.29 -6.48 -11.72
C SER A 12 0.41 -7.60 -10.99
N LYS A 13 0.84 -7.30 -9.76
CA LYS A 13 1.31 -8.34 -8.86
C LYS A 13 0.13 -9.18 -8.39
N ILE A 14 0.45 -10.34 -7.84
CA ILE A 14 -0.56 -11.36 -7.55
C ILE A 14 -1.43 -11.08 -6.29
N ASP A 15 -1.06 -10.09 -5.48
CA ASP A 15 -1.82 -9.82 -4.25
C ASP A 15 -3.16 -9.12 -4.52
N THR A 16 -3.99 -9.00 -3.50
CA THR A 16 -5.31 -8.39 -3.63
C THR A 16 -5.26 -7.00 -4.25
N GLU A 17 -4.39 -6.15 -3.69
CA GLU A 17 -4.31 -4.78 -4.13
C GLU A 17 -3.84 -4.68 -5.58
N GLY A 18 -2.96 -5.59 -6.00
CA GLY A 18 -2.59 -5.68 -7.41
C GLY A 18 -3.80 -5.93 -8.29
N GLY A 19 -4.65 -6.86 -7.88
CA GLY A 19 -5.89 -7.14 -8.60
C GLY A 19 -6.81 -5.94 -8.68
N VAL A 20 -6.94 -5.22 -7.57
CA VAL A 20 -7.78 -4.03 -7.53
C VAL A 20 -7.21 -2.94 -8.45
N LEU A 21 -5.94 -2.60 -8.26
CA LEU A 21 -5.33 -1.51 -9.03
C LEU A 21 -5.19 -1.87 -10.50
N GLY A 22 -4.88 -3.12 -10.79
CA GLY A 22 -4.76 -3.60 -12.16
C GLY A 22 -6.10 -3.52 -12.88
N ASN A 23 -7.17 -3.92 -12.21
CA ASN A 23 -8.50 -3.80 -12.81
C ASN A 23 -8.96 -2.36 -12.95
N ILE A 24 -8.51 -1.47 -12.05
CA ILE A 24 -8.79 -0.05 -12.21
C ILE A 24 -8.13 0.47 -13.50
N ILE A 25 -6.86 0.13 -13.70
CA ILE A 25 -6.15 0.54 -14.91
C ILE A 25 -6.84 0.00 -16.16
N LEU A 26 -7.14 -1.30 -16.14
N LEU A 26 -7.16 -1.30 -16.15
CA LEU A 26 -7.80 -1.98 -17.25
CA LEU A 26 -7.78 -1.92 -17.31
C LEU A 26 -9.10 -1.26 -17.62
C LEU A 26 -9.13 -1.30 -17.64
N ALA A 27 -9.95 -1.04 -16.62
CA ALA A 27 -11.26 -0.45 -16.82
C ALA A 27 -11.18 1.00 -17.33
N VAL A 28 -10.23 1.78 -16.82
CA VAL A 28 -10.07 3.15 -17.33
C VAL A 28 -9.67 3.12 -18.81
N LEU A 29 -8.72 2.25 -19.15
CA LEU A 29 -8.30 2.12 -20.55
C LEU A 29 -9.49 1.74 -21.44
N ASN A 30 -10.25 0.73 -21.02
CA ASN A 30 -11.40 0.25 -21.82
C ASN A 30 -12.47 1.32 -21.99
N GLN A 31 -12.76 2.04 -20.90
CA GLN A 31 -13.75 3.11 -20.94
C GLN A 31 -13.37 4.24 -21.89
N ASN A 32 -12.07 4.45 -22.05
CA ASN A 32 -11.54 5.44 -22.99
C ASN A 32 -11.07 4.83 -24.33
N LYS A 33 -11.64 3.67 -24.67
N LYS A 33 -11.65 3.67 -24.67
CA LYS A 33 -11.52 3.07 -26.01
CA LYS A 33 -11.52 3.05 -26.00
C LYS A 33 -10.10 2.63 -26.39
C LYS A 33 -10.10 2.63 -26.39
N ILE A 34 -9.32 2.25 -25.38
CA ILE A 34 -8.01 1.66 -25.57
C ILE A 34 -8.18 0.19 -25.31
N GLU A 35 -7.96 -0.63 -26.34
CA GLU A 35 -8.17 -2.06 -26.20
C GLU A 35 -7.02 -2.68 -25.44
N THR A 36 -7.35 -3.69 -24.66
CA THR A 36 -6.42 -4.26 -23.71
C THR A 36 -6.34 -5.78 -23.80
N THR A 37 -5.24 -6.32 -23.27
CA THR A 37 -5.12 -7.73 -22.96
C THR A 37 -4.95 -7.81 -21.45
N ASP A 38 -5.71 -8.68 -20.81
CA ASP A 38 -5.73 -8.83 -19.36
C ASP A 38 -4.72 -9.89 -18.90
N ARG A 39 -3.59 -9.44 -18.33
CA ARG A 39 -2.67 -10.35 -17.62
C ARG A 39 -2.50 -9.95 -16.16
N ILE A 40 -3.61 -9.59 -15.53
CA ILE A 40 -3.65 -9.13 -14.14
C ILE A 40 -3.29 -10.27 -13.19
N GLN A 41 -2.60 -9.92 -12.10
CA GLN A 41 -2.13 -10.88 -11.08
C GLN A 41 -1.26 -12.00 -11.68
N LEU A 42 -0.24 -11.57 -12.43
CA LEU A 42 0.64 -12.44 -13.17
C LEU A 42 1.59 -13.19 -12.25
N GLY A 43 2.08 -12.50 -11.22
CA GLY A 43 3.03 -13.10 -10.30
C GLY A 43 3.55 -12.13 -9.25
N ALA A 44 4.56 -12.57 -8.52
CA ALA A 44 5.20 -11.75 -7.51
C ALA A 44 6.01 -10.65 -8.19
N THR A 45 6.48 -9.70 -7.40
CA THR A 45 7.22 -8.56 -7.93
C THR A 45 8.33 -8.93 -8.93
N PRO A 46 9.21 -9.90 -8.60
CA PRO A 46 10.27 -10.25 -9.55
C PRO A 46 9.76 -10.71 -10.93
N VAL A 47 8.67 -11.48 -10.93
CA VAL A 47 8.07 -11.98 -12.17
C VAL A 47 7.49 -10.83 -13.01
N VAL A 48 6.78 -9.91 -12.35
CA VAL A 48 6.20 -8.76 -13.04
C VAL A 48 7.28 -7.79 -13.55
N ARG A 49 8.31 -7.54 -12.75
CA ARG A 49 9.46 -6.75 -13.20
C ARG A 49 10.15 -7.35 -14.42
N LYS A 50 10.40 -8.66 -14.38
CA LYS A 50 10.99 -9.34 -15.52
C LYS A 50 10.10 -9.19 -16.76
N ALA A 51 8.78 -9.32 -16.56
CA ALA A 51 7.83 -9.20 -17.68
C ALA A 51 7.81 -7.80 -18.33
N ILE A 52 7.77 -6.74 -17.51
CA ILE A 52 7.73 -5.39 -18.10
C ILE A 52 9.05 -5.05 -18.79
N THR A 53 10.18 -5.42 -18.17
CA THR A 53 11.48 -5.12 -18.77
C THR A 53 11.72 -5.94 -20.05
N ALA A 54 11.08 -7.11 -20.15
CA ALA A 54 11.16 -7.96 -21.34
C ALA A 54 10.08 -7.62 -22.38
N GLY A 55 9.22 -6.64 -22.09
CA GLY A 55 8.18 -6.23 -23.04
C GLY A 55 6.99 -7.19 -23.16
N GLU A 56 6.82 -8.06 -22.17
CA GLU A 56 5.72 -9.05 -22.13
C GLU A 56 4.43 -8.46 -21.53
N ILE A 57 4.58 -7.40 -20.73
CA ILE A 57 3.44 -6.62 -20.26
C ILE A 57 3.77 -5.16 -20.52
N ASP A 58 2.74 -4.30 -20.50
CA ASP A 58 2.91 -2.90 -20.85
C ASP A 58 2.72 -1.93 -19.67
N ILE A 59 1.73 -2.21 -18.82
CA ILE A 59 1.41 -1.29 -17.72
C ILE A 59 0.92 -2.09 -16.51
N TYR A 60 1.40 -1.73 -15.33
CA TYR A 60 0.96 -2.37 -14.09
C TYR A 60 1.22 -1.41 -12.92
N PRO A 61 0.63 -1.68 -11.74
CA PRO A 61 0.84 -0.84 -10.57
C PRO A 61 2.05 -1.28 -9.75
N GLU A 62 3.01 -0.37 -9.58
CA GLU A 62 4.22 -0.62 -8.79
C GLU A 62 4.28 0.40 -7.66
N TYR A 63 5.06 0.11 -6.63
CA TYR A 63 5.17 0.98 -5.45
C TYR A 63 6.52 1.69 -5.46
N THR A 64 6.49 2.98 -5.20
CA THR A 64 7.70 3.81 -5.21
C THR A 64 8.87 3.19 -4.45
N GLY A 65 8.65 2.85 -3.18
CA GLY A 65 9.73 2.28 -2.36
C GLY A 65 10.33 0.99 -2.87
N ASN A 66 9.61 0.25 -3.72
CA ASN A 66 10.17 -0.98 -4.27
C ASN A 66 11.34 -0.72 -5.20
N ALA A 67 11.42 0.48 -5.74
CA ALA A 67 12.52 0.86 -6.61
C ALA A 67 13.83 0.82 -5.83
N ALA A 68 13.77 0.92 -4.51
CA ALA A 68 14.98 0.78 -3.68
C ALA A 68 15.65 -0.57 -3.89
N PHE A 69 14.85 -1.62 -4.06
CA PHE A 69 15.37 -2.96 -4.23
C PHE A 69 15.80 -3.20 -5.67
N PHE A 70 15.01 -2.70 -6.63
CA PHE A 70 15.33 -2.85 -8.07
C PHE A 70 16.67 -2.23 -8.43
N PHE A 71 16.98 -1.10 -7.81
CA PHE A 71 18.14 -0.32 -8.20
C PHE A 71 19.27 -0.31 -7.16
N SER A 72 19.27 -1.30 -6.26
CA SER A 72 20.36 -1.50 -5.30
C SER A 72 20.56 -0.29 -4.37
N LYS A 73 19.47 0.22 -3.84
CA LYS A 73 19.49 1.37 -2.95
C LYS A 73 18.63 1.13 -1.70
N ALA A 74 18.53 -0.12 -1.26
CA ALA A 74 17.63 -0.46 -0.14
C ALA A 74 18.00 0.28 1.14
N ASP A 75 19.30 0.58 1.28
CA ASP A 75 19.82 1.23 2.48
C ASP A 75 19.82 2.76 2.40
N ASP A 76 19.33 3.32 1.29
CA ASP A 76 19.29 4.77 1.12
C ASP A 76 18.11 5.37 1.88
N PRO A 77 18.36 6.42 2.69
CA PRO A 77 17.26 7.06 3.44
C PRO A 77 16.27 7.83 2.59
N LEU A 78 16.59 8.08 1.32
CA LEU A 78 15.70 8.88 0.47
C LEU A 78 14.30 8.28 0.36
N TRP A 79 14.20 6.96 0.45
CA TRP A 79 12.91 6.26 0.24
C TRP A 79 11.89 6.57 1.34
N LYS A 80 12.37 7.10 2.46
CA LYS A 80 11.48 7.46 3.57
CA LYS A 80 11.49 7.49 3.57
C LYS A 80 10.82 8.83 3.32
N ASP A 81 11.25 9.54 2.29
CA ASP A 81 10.64 10.81 1.90
C ASP A 81 9.79 10.53 0.66
N ALA A 82 8.45 10.66 0.78
CA ALA A 82 7.54 10.25 -0.30
C ALA A 82 7.88 10.89 -1.66
N ALA A 83 8.07 12.20 -1.66
CA ALA A 83 8.37 12.91 -2.90
C ALA A 83 9.70 12.48 -3.49
N LYS A 84 10.72 12.37 -2.64
CA LYS A 84 12.05 11.98 -3.12
C LYS A 84 12.04 10.57 -3.68
N GLY A 85 11.35 9.66 -3.00
CA GLY A 85 11.21 8.29 -3.46
C GLY A 85 10.53 8.19 -4.81
N TYR A 86 9.45 8.96 -4.99
CA TYR A 86 8.74 8.95 -6.26
C TYR A 86 9.66 9.45 -7.40
N GLU A 87 10.34 10.56 -7.19
CA GLU A 87 11.23 11.11 -8.20
C GLU A 87 12.38 10.18 -8.54
N GLU A 88 12.92 9.48 -7.53
CA GLU A 88 14.05 8.59 -7.76
C GLU A 88 13.58 7.36 -8.54
N ALA A 89 12.43 6.80 -8.15
CA ALA A 89 11.86 5.68 -8.89
C ALA A 89 11.62 6.06 -10.36
N LYS A 90 11.01 7.21 -10.55
CA LYS A 90 10.65 7.67 -11.91
CA LYS A 90 10.66 7.69 -11.90
C LYS A 90 11.91 7.90 -12.76
N THR A 91 12.90 8.56 -12.18
CA THR A 91 14.14 8.85 -12.91
C THR A 91 14.89 7.57 -13.28
N LEU A 92 15.11 6.71 -12.30
CA LEU A 92 15.86 5.49 -12.54
C LEU A 92 15.19 4.57 -13.55
N ASP A 93 13.87 4.36 -13.42
CA ASP A 93 13.19 3.44 -14.33
C ASP A 93 13.16 4.00 -15.77
N TYR A 94 13.09 5.33 -15.91
CA TYR A 94 13.17 5.91 -17.24
C TYR A 94 14.58 5.77 -17.83
N ASP A 95 15.58 6.18 -17.07
CA ASP A 95 16.95 6.16 -17.55
C ASP A 95 17.42 4.74 -17.85
N ALA A 96 17.12 3.80 -16.96
CA ALA A 96 17.59 2.43 -17.10
C ALA A 96 16.77 1.60 -18.06
N ASN A 97 15.45 1.79 -18.03
CA ASN A 97 14.53 0.83 -18.67
C ASN A 97 13.50 1.44 -19.63
N LYS A 98 13.50 2.76 -19.76
CA LYS A 98 12.47 3.49 -20.50
C LYS A 98 11.06 3.08 -20.07
N ILE A 99 10.92 2.90 -18.76
CA ILE A 99 9.62 2.71 -18.14
C ILE A 99 9.20 4.05 -17.52
N VAL A 100 8.00 4.49 -17.86
CA VAL A 100 7.47 5.80 -17.41
C VAL A 100 6.53 5.65 -16.19
N TRP A 101 6.90 6.25 -15.06
CA TRP A 101 6.05 6.27 -13.87
C TRP A 101 5.03 7.37 -14.02
N LEU A 102 3.76 7.03 -13.85
CA LEU A 102 2.67 7.99 -13.99
C LEU A 102 2.34 8.50 -12.59
N ALA A 103 1.24 9.26 -12.47
CA ALA A 103 0.94 9.92 -11.20
C ALA A 103 0.59 8.91 -10.10
N PRO A 104 1.17 9.09 -8.90
CA PRO A 104 0.93 8.11 -7.84
C PRO A 104 -0.36 8.36 -7.04
N SER A 105 -0.84 7.30 -6.40
CA SER A 105 -1.80 7.39 -5.32
C SER A 105 -1.09 7.96 -4.09
N PRO A 106 -1.81 8.72 -3.25
CA PRO A 106 -1.23 9.24 -2.02
C PRO A 106 -1.07 8.20 -0.90
N ALA A 107 -1.69 7.02 -1.09
CA ALA A 107 -1.70 5.96 -0.08
C ALA A 107 -0.30 5.41 0.17
N ASN A 108 0.09 5.30 1.43
CA ASN A 108 1.41 4.75 1.82
C ASN A 108 1.23 3.33 2.36
N ASN A 109 1.41 2.33 1.50
CA ASN A 109 1.19 0.92 1.89
C ASN A 109 2.48 0.32 2.46
N THR A 110 2.80 0.73 3.68
CA THR A 110 4.05 0.37 4.33
C THR A 110 3.75 -0.22 5.71
N TRP A 111 4.77 -0.78 6.36
CA TRP A 111 4.61 -1.28 7.72
C TRP A 111 4.14 -0.17 8.65
N ALA A 112 3.16 -0.49 9.48
CA ALA A 112 2.49 0.50 10.31
C ALA A 112 1.88 -0.14 11.54
N ILE A 113 1.49 0.73 12.48
CA ILE A 113 0.71 0.34 13.64
C ILE A 113 -0.69 0.92 13.50
N ALA A 114 -1.70 0.05 13.63
CA ALA A 114 -3.10 0.45 13.61
C ALA A 114 -3.68 0.25 15.00
N LEU A 115 -4.49 1.20 15.45
CA LEU A 115 -5.09 1.13 16.78
C LEU A 115 -6.57 0.87 16.66
N ARG A 116 -7.15 0.25 17.69
CA ARG A 116 -8.60 0.22 17.81
C ARG A 116 -9.15 1.65 17.76
N LYS A 117 -10.19 1.85 16.98
CA LYS A 117 -10.76 3.19 16.79
C LYS A 117 -11.23 3.79 18.13
N ASP A 118 -11.79 2.97 19.01
CA ASP A 118 -12.25 3.48 20.31
C ASP A 118 -11.11 4.06 21.14
N VAL A 119 -9.96 3.39 21.14
CA VAL A 119 -8.78 3.86 21.87
C VAL A 119 -8.20 5.12 21.21
N ALA A 120 -8.16 5.15 19.88
CA ALA A 120 -7.63 6.30 19.14
C ALA A 120 -8.49 7.54 19.35
N ASP A 121 -9.80 7.36 19.30
CA ASP A 121 -10.75 8.46 19.50
C ASP A 121 -10.70 8.99 20.93
N LYS A 122 -10.73 8.09 21.92
CA LYS A 122 -10.73 8.49 23.33
C LYS A 122 -9.48 9.29 23.71
N ASN A 123 -8.34 8.94 23.12
CA ASN A 123 -7.07 9.55 23.45
C ASN A 123 -6.54 10.52 22.39
N ASN A 124 -7.34 10.81 21.38
CA ASN A 124 -6.95 11.72 20.31
C ASN A 124 -5.60 11.33 19.69
N LEU A 125 -5.49 10.06 19.31
CA LEU A 125 -4.26 9.53 18.72
C LEU A 125 -4.44 9.39 17.20
N LYS A 126 -3.69 10.18 16.44
CA LYS A 126 -3.74 10.13 14.99
C LYS A 126 -2.39 9.76 14.36
N THR A 127 -1.30 10.15 15.03
CA THR A 127 0.05 9.95 14.51
C THR A 127 0.87 9.06 15.43
N LEU A 128 1.98 8.56 14.92
CA LEU A 128 2.91 7.78 15.75
C LEU A 128 3.52 8.65 16.85
N SER A 129 3.72 9.95 16.57
CA SER A 129 4.17 10.87 17.63
C SER A 129 3.15 10.89 18.79
N ASP A 130 1.85 10.96 18.47
CA ASP A 130 0.80 10.93 19.49
C ASP A 130 0.87 9.62 20.27
N PHE A 131 1.05 8.51 19.54
CA PHE A 131 1.12 7.19 20.12
C PHE A 131 2.30 7.05 21.08
N GLY A 132 3.47 7.57 20.68
CA GLY A 132 4.66 7.54 21.54
C GLY A 132 4.44 8.29 22.85
N LYS A 133 3.81 9.45 22.76
CA LYS A 133 3.52 10.27 23.96
C LYS A 133 2.55 9.51 24.89
N TYR A 134 1.54 8.90 24.31
CA TYR A 134 0.58 8.07 25.03
C TYR A 134 1.25 6.89 25.75
N VAL A 135 2.07 6.12 25.03
CA VAL A 135 2.73 4.96 25.62
C VAL A 135 3.75 5.37 26.70
N ALA A 136 4.56 6.37 26.40
CA ALA A 136 5.59 6.84 27.32
C ALA A 136 4.96 7.34 28.61
N GLY A 137 3.78 7.92 28.49
CA GLY A 137 3.07 8.47 29.64
C GLY A 137 2.29 7.47 30.47
N GLY A 138 2.35 6.19 30.07
CA GLY A 138 1.72 5.10 30.83
C GLY A 138 0.41 4.59 30.26
N GLY A 139 0.10 5.00 29.04
CA GLY A 139 -1.13 4.60 28.39
C GLY A 139 -1.23 3.09 28.15
N THR A 140 -2.45 2.60 28.22
CA THR A 140 -2.68 1.15 28.12
C THR A 140 -2.57 0.69 26.66
N VAL A 141 -1.65 -0.24 26.41
CA VAL A 141 -1.46 -0.77 25.07
C VAL A 141 -1.02 -2.24 25.12
N VAL A 142 -1.60 -3.04 24.24
CA VAL A 142 -1.05 -4.34 23.90
C VAL A 142 -1.05 -4.42 22.38
N LEU A 143 0.15 -4.55 21.82
CA LEU A 143 0.37 -4.59 20.39
C LEU A 143 0.62 -6.02 19.92
N ALA A 144 -0.19 -6.48 18.98
CA ALA A 144 0.04 -7.75 18.31
C ALA A 144 0.94 -7.54 17.11
N ALA A 145 2.06 -8.25 17.08
CA ALA A 145 3.07 -8.07 16.05
C ALA A 145 3.85 -9.35 15.84
N SER A 146 4.54 -9.43 14.71
CA SER A 146 5.43 -10.53 14.44
C SER A 146 6.74 -10.36 15.20
N SER A 147 7.43 -11.46 15.40
CA SER A 147 8.78 -11.42 15.99
C SER A 147 9.72 -10.54 15.17
N GLU A 148 9.64 -10.65 13.84
CA GLU A 148 10.45 -9.81 12.96
C GLU A 148 10.19 -8.31 13.21
N PHE A 149 8.92 -7.93 13.30
CA PHE A 149 8.56 -6.54 13.55
C PHE A 149 9.06 -6.05 14.91
N VAL A 150 8.98 -6.90 15.94
CA VAL A 150 9.41 -6.51 17.29
C VAL A 150 10.93 -6.33 17.35
N ASN A 151 11.64 -7.18 16.62
CA ASN A 151 13.10 -7.31 16.81
C ASN A 151 13.99 -6.71 15.72
N SER A 152 13.53 -6.65 14.48
CA SER A 152 14.38 -6.16 13.40
CA SER A 152 14.37 -6.15 13.39
C SER A 152 14.62 -4.66 13.56
N ALA A 153 15.88 -4.25 13.37
CA ALA A 153 16.30 -2.86 13.58
C ALA A 153 15.40 -1.81 12.94
N ALA A 154 14.94 -2.09 11.73
CA ALA A 154 14.20 -1.09 10.94
C ALA A 154 12.71 -1.00 11.29
N ALA A 155 12.23 -1.89 12.17
CA ALA A 155 10.80 -1.97 12.46
C ALA A 155 10.47 -1.34 13.81
N LEU A 156 9.90 -2.08 14.75
CA LEU A 156 9.53 -1.50 16.06
C LEU A 156 10.68 -0.74 16.75
N PRO A 157 11.92 -1.29 16.76
CA PRO A 157 13.02 -0.55 17.40
C PRO A 157 13.21 0.86 16.85
N ALA A 158 13.06 1.02 15.53
CA ALA A 158 13.17 2.31 14.88
C ALA A 158 12.02 3.23 15.29
N PHE A 159 10.79 2.70 15.30
CA PHE A 159 9.65 3.46 15.78
C PHE A 159 9.88 3.91 17.23
N GLN A 160 10.36 3.01 18.07
CA GLN A 160 10.58 3.32 19.49
C GLN A 160 11.56 4.49 19.67
N THR A 161 12.66 4.43 18.94
CA THR A 161 13.70 5.46 19.01
C THR A 161 13.17 6.81 18.54
N THR A 162 12.55 6.82 17.37
CA THR A 162 12.11 8.06 16.77
C THR A 162 10.96 8.73 17.53
N TYR A 163 10.04 7.91 18.03
CA TYR A 163 8.80 8.42 18.62
C TYR A 163 8.79 8.41 20.15
N GLY A 164 9.90 8.01 20.75
CA GLY A 164 10.11 8.21 22.18
C GLY A 164 9.32 7.31 23.11
N PHE A 165 9.27 6.03 22.78
CA PHE A 165 8.58 5.05 23.63
C PHE A 165 9.29 3.72 23.56
N THR A 166 8.99 2.87 24.53
CA THR A 166 9.45 1.49 24.48
CA THR A 166 9.46 1.48 24.52
C THR A 166 8.29 0.60 24.86
N MSE A 167 8.28 -0.61 24.32
CA MSE A 167 7.17 -1.56 24.61
C MSE A 167 7.68 -2.64 25.55
O MSE A 167 8.67 -3.31 25.25
CB MSE A 167 6.66 -2.19 23.32
CG MSE A 167 6.11 -1.18 22.29
SE MSE A 167 4.48 -0.34 22.94
CE MSE A 167 3.22 -1.76 22.48
N LYS A 168 7.01 -2.84 26.67
CA LYS A 168 7.38 -3.91 27.58
C LYS A 168 6.86 -5.25 27.07
N PRO A 169 7.46 -6.34 27.55
CA PRO A 169 6.97 -7.66 27.16
C PRO A 169 5.47 -7.85 27.37
N ASP A 170 4.93 -7.33 28.47
CA ASP A 170 3.49 -7.45 28.76
CA ASP A 170 3.49 -7.49 28.73
C ASP A 170 2.62 -6.54 27.89
N GLN A 171 3.24 -5.72 27.04
CA GLN A 171 2.52 -4.87 26.09
C GLN A 171 2.60 -5.42 24.66
N LEU A 172 3.07 -6.65 24.52
CA LEU A 172 3.25 -7.27 23.21
C LEU A 172 2.62 -8.67 23.17
N ILE A 173 1.95 -8.96 22.06
CA ILE A 173 1.60 -10.33 21.67
C ILE A 173 2.47 -10.59 20.45
N THR A 174 3.41 -11.51 20.60
CA THR A 174 4.42 -11.74 19.57
C THR A 174 4.15 -13.05 18.85
N LEU A 175 3.87 -12.95 17.56
CA LEU A 175 3.56 -14.10 16.72
C LEU A 175 4.75 -14.48 15.85
N SER A 176 4.87 -15.76 15.53
CA SER A 176 6.01 -16.28 14.77
C SER A 176 6.09 -15.72 13.34
N GLY A 177 4.95 -15.69 12.66
CA GLY A 177 4.91 -15.29 11.26
C GLY A 177 4.52 -13.85 11.00
N GLY A 178 4.68 -13.45 9.74
CA GLY A 178 4.51 -12.06 9.31
C GLY A 178 3.16 -11.69 8.74
N ASP A 179 2.22 -12.65 8.72
CA ASP A 179 0.87 -12.38 8.19
C ASP A 179 0.11 -11.42 9.09
N THR A 180 -0.31 -10.29 8.53
CA THR A 180 -1.04 -9.30 9.29
C THR A 180 -2.48 -9.73 9.55
N ALA A 181 -2.95 -10.79 8.90
CA ALA A 181 -4.29 -11.30 9.19
C ALA A 181 -4.46 -11.61 10.67
N ALA A 182 -3.46 -12.24 11.27
CA ALA A 182 -3.52 -12.66 12.67
C ALA A 182 -3.41 -11.49 13.64
N THR A 183 -2.57 -10.52 13.31
CA THR A 183 -2.39 -9.36 14.20
C THR A 183 -3.58 -8.41 14.13
N ILE A 184 -4.09 -8.18 12.93
CA ILE A 184 -5.32 -7.39 12.76
C ILE A 184 -6.46 -8.02 13.57
N ALA A 185 -6.63 -9.33 13.46
CA ALA A 185 -7.73 -10.01 14.15
C ALA A 185 -7.57 -9.92 15.67
N ALA A 186 -6.34 -10.09 16.15
CA ALA A 186 -6.08 -9.96 17.59
C ALA A 186 -6.56 -8.62 18.14
N ALA A 187 -6.20 -7.53 17.47
CA ALA A 187 -6.60 -6.19 17.90
C ALA A 187 -8.11 -5.98 17.74
N ALA A 188 -8.66 -6.48 16.65
CA ALA A 188 -10.10 -6.36 16.37
C ALA A 188 -10.92 -7.05 17.44
N ASN A 189 -10.39 -8.16 17.96
CA ASN A 189 -11.12 -8.99 18.93
C ASN A 189 -10.68 -8.81 20.37
N GLN A 190 -9.72 -7.93 20.60
CA GLN A 190 -9.16 -7.71 21.93
C GLN A 190 -8.59 -8.98 22.58
N THR A 191 -8.03 -9.87 21.76
CA THR A 191 -7.44 -11.09 22.27
C THR A 191 -6.30 -10.74 23.23
N ASN A 192 -6.37 -11.29 24.43
CA ASN A 192 -5.38 -10.99 25.47
C ASN A 192 -5.16 -9.47 25.63
N ASN A 193 -6.26 -8.74 25.54
CA ASN A 193 -6.32 -7.27 25.70
C ASN A 193 -5.64 -6.48 24.59
N ALA A 194 -5.38 -7.12 23.44
CA ALA A 194 -4.83 -6.42 22.30
C ALA A 194 -5.68 -5.20 21.92
N ASN A 195 -5.03 -4.07 21.71
CA ASN A 195 -5.68 -2.90 21.16
C ASN A 195 -4.94 -2.20 20.02
N ALA A 196 -3.85 -2.85 19.54
CA ALA A 196 -3.05 -2.33 18.45
C ALA A 196 -2.50 -3.51 17.66
N ALA A 197 -2.26 -3.28 16.36
CA ALA A 197 -1.78 -4.32 15.47
C ALA A 197 -0.75 -3.81 14.50
N MSE A 198 0.27 -4.63 14.25
CA MSE A 198 1.10 -4.52 13.08
C MSE A 198 0.25 -4.73 11.83
O MSE A 198 -0.48 -5.72 11.73
CB MSE A 198 2.17 -5.61 13.11
CG MSE A 198 3.05 -5.70 11.85
SE MSE A 198 4.07 -7.35 11.83
CE MSE A 198 2.69 -8.61 11.28
N VAL A 199 0.34 -3.80 10.89
CA VAL A 199 -0.36 -3.90 9.62
C VAL A 199 0.56 -3.38 8.51
N TYR A 200 0.10 -3.55 7.27
CA TYR A 200 0.55 -2.71 6.17
C TYR A 200 -0.59 -1.75 5.88
N GLY A 201 -0.23 -0.51 5.54
CA GLY A 201 -1.16 0.61 5.53
C GLY A 201 -2.50 0.43 4.84
N THR A 202 -2.51 -0.24 3.70
CA THR A 202 -3.75 -0.42 2.93
C THR A 202 -4.37 -1.81 3.09
N ASP A 203 -3.94 -2.59 4.08
CA ASP A 203 -4.52 -3.91 4.33
C ASP A 203 -6.05 -3.87 4.34
N GLY A 204 -6.69 -4.73 3.55
CA GLY A 204 -8.16 -4.80 3.51
C GLY A 204 -8.80 -5.09 4.86
N GLY A 205 -8.12 -5.87 5.70
CA GLY A 205 -8.63 -6.23 7.00
C GLY A 205 -8.86 -5.07 7.95
N ILE A 206 -8.14 -3.98 7.71
CA ILE A 206 -8.23 -2.80 8.57
C ILE A 206 -9.64 -2.19 8.59
N ALA A 207 -10.27 -2.11 7.43
CA ALA A 207 -11.56 -1.42 7.29
C ALA A 207 -12.65 -2.05 8.18
N PRO A 208 -12.98 -3.33 7.95
CA PRO A 208 -14.05 -3.91 8.77
C PRO A 208 -13.69 -4.26 10.23
N SER A 209 -12.39 -4.22 10.56
CA SER A 209 -11.94 -4.61 11.91
CA SER A 209 -11.91 -4.60 11.89
C SER A 209 -12.02 -3.44 12.91
N GLY A 210 -12.38 -2.26 12.44
CA GLY A 210 -12.51 -1.10 13.31
C GLY A 210 -11.16 -0.59 13.81
N LEU A 211 -10.13 -0.74 12.99
CA LEU A 211 -8.81 -0.20 13.32
C LEU A 211 -8.51 1.04 12.48
N VAL A 212 -7.56 1.83 12.96
CA VAL A 212 -7.11 3.01 12.26
CA VAL A 212 -7.11 3.07 12.33
C VAL A 212 -5.59 3.11 12.25
N VAL A 213 -5.04 3.35 11.07
CA VAL A 213 -3.58 3.40 10.89
C VAL A 213 -3.04 4.72 11.40
N LEU A 214 -2.00 4.65 12.22
CA LEU A 214 -1.32 5.84 12.72
C LEU A 214 -0.37 6.39 11.67
N GLU A 215 -0.43 7.70 11.45
CA GLU A 215 0.44 8.35 10.48
C GLU A 215 1.90 8.29 10.93
N ASP A 216 2.78 7.96 9.99
CA ASP A 216 4.22 7.92 10.23
C ASP A 216 4.77 9.35 10.01
N ASP A 217 4.42 10.23 10.95
CA ASP A 217 4.65 11.66 10.79
C ASP A 217 6.11 12.10 10.79
N LYS A 218 7.01 11.27 11.33
CA LYS A 218 8.45 11.52 11.28
C LYS A 218 9.18 10.58 10.31
N HIS A 219 8.41 9.85 9.50
CA HIS A 219 8.95 9.16 8.34
C HIS A 219 10.02 8.11 8.67
N VAL A 220 9.66 7.18 9.55
CA VAL A 220 10.56 6.09 9.95
C VAL A 220 10.63 4.99 8.89
N GLN A 221 9.50 4.70 8.25
CA GLN A 221 9.46 3.62 7.25
C GLN A 221 9.61 4.15 5.84
N PRO A 222 10.24 3.34 4.95
CA PRO A 222 10.19 3.69 3.54
C PRO A 222 8.75 3.82 3.04
N VAL A 223 8.54 4.70 2.07
CA VAL A 223 7.21 4.95 1.52
C VAL A 223 6.94 4.04 0.32
N TYR A 224 5.74 3.45 0.30
CA TYR A 224 5.29 2.60 -0.80
C TYR A 224 3.97 3.14 -1.37
N GLN A 225 4.10 4.12 -2.26
CA GLN A 225 2.94 4.70 -2.96
CA GLN A 225 2.93 4.67 -2.94
C GLN A 225 2.75 3.96 -4.27
N PRO A 226 1.53 3.46 -4.53
CA PRO A 226 1.32 2.79 -5.82
C PRO A 226 1.16 3.79 -6.95
N ALA A 227 1.70 3.46 -8.11
CA ALA A 227 1.53 4.27 -9.32
C ALA A 227 1.47 3.33 -10.51
N PRO A 228 0.70 3.70 -11.55
CA PRO A 228 0.83 2.93 -12.78
C PRO A 228 2.19 3.25 -13.43
N ILE A 229 2.86 2.23 -13.94
CA ILE A 229 4.12 2.42 -14.69
C ILE A 229 3.96 1.71 -16.04
N ILE A 230 4.47 2.35 -17.09
CA ILE A 230 4.15 1.95 -18.46
C ILE A 230 5.39 2.02 -19.36
N ARG A 231 5.55 1.04 -20.23
CA ARG A 231 6.65 1.05 -21.20
C ARG A 231 6.50 2.29 -22.07
N GLU A 232 7.59 3.02 -22.27
CA GLU A 232 7.55 4.28 -23.02
C GLU A 232 6.92 4.11 -24.40
N GLU A 233 7.27 3.03 -25.09
CA GLU A 233 6.81 2.86 -26.47
C GLU A 233 5.29 2.74 -26.55
N VAL A 234 4.69 2.16 -25.51
CA VAL A 234 3.24 2.01 -25.43
C VAL A 234 2.60 3.35 -25.08
N LEU A 235 3.19 4.09 -24.14
CA LEU A 235 2.69 5.43 -23.83
C LEU A 235 2.73 6.34 -25.04
N LYS A 236 3.81 6.29 -25.82
CA LYS A 236 3.92 7.11 -27.03
C LYS A 236 2.80 6.80 -28.04
N LYS A 237 2.35 5.54 -28.07
CA LYS A 237 1.25 5.14 -28.95
C LYS A 237 -0.11 5.58 -28.41
N HIS A 238 -0.21 5.74 -27.09
CA HIS A 238 -1.45 6.13 -26.41
C HIS A 238 -1.16 7.20 -25.35
N PRO A 239 -0.76 8.40 -25.80
CA PRO A 239 -0.22 9.39 -24.85
C PRO A 239 -1.24 9.91 -23.84
N ASN A 240 -2.54 9.73 -24.11
CA ASN A 240 -3.56 10.17 -23.16
C ASN A 240 -3.66 9.32 -21.89
N ILE A 241 -3.04 8.13 -21.87
CA ILE A 241 -3.11 7.25 -20.70
C ILE A 241 -2.67 8.00 -19.43
N GLU A 242 -1.64 8.83 -19.56
CA GLU A 242 -1.08 9.57 -18.44
C GLU A 242 -2.14 10.47 -17.77
N GLU A 243 -2.78 11.32 -18.56
CA GLU A 243 -3.78 12.21 -17.99
C GLU A 243 -5.05 11.48 -17.56
N LEU A 244 -5.40 10.38 -18.23
CA LEU A 244 -6.59 9.60 -17.86
C LEU A 244 -6.44 8.97 -16.47
N LEU A 245 -5.24 8.50 -16.14
CA LEU A 245 -5.03 7.81 -14.87
C LEU A 245 -4.71 8.72 -13.69
N LYS A 246 -4.35 9.98 -13.99
CA LYS A 246 -3.98 10.93 -12.93
C LYS A 246 -5.06 11.17 -11.87
N PRO A 247 -6.25 11.67 -12.27
CA PRO A 247 -7.28 11.92 -11.25
C PRO A 247 -7.76 10.64 -10.55
N VAL A 248 -7.69 9.52 -11.27
CA VAL A 248 -8.13 8.23 -10.76
C VAL A 248 -7.23 7.83 -9.58
N PHE A 249 -5.92 7.86 -9.78
CA PHE A 249 -5.01 7.47 -8.72
C PHE A 249 -4.97 8.51 -7.59
N GLU A 250 -5.21 9.78 -7.92
CA GLU A 250 -5.25 10.81 -6.89
C GLU A 250 -6.38 10.56 -5.88
N LYS A 251 -7.44 9.90 -6.32
CA LYS A 251 -8.58 9.60 -5.43
C LYS A 251 -8.36 8.37 -4.55
N LEU A 252 -7.31 7.60 -4.82
CA LEU A 252 -7.04 6.38 -4.07
C LEU A 252 -6.24 6.68 -2.80
N ASP A 253 -6.90 7.33 -1.82
CA ASP A 253 -6.24 7.56 -0.52
C ASP A 253 -6.24 6.28 0.32
N LEU A 254 -5.58 6.32 1.47
CA LEU A 254 -5.40 5.12 2.30
C LEU A 254 -6.72 4.41 2.61
N ALA A 255 -7.70 5.17 3.09
CA ALA A 255 -8.96 4.57 3.53
C ALA A 255 -9.76 4.05 2.35
N THR A 256 -9.72 4.76 1.23
CA THR A 256 -10.39 4.29 0.00
C THR A 256 -9.81 2.96 -0.45
N LEU A 257 -8.48 2.85 -0.48
CA LEU A 257 -7.83 1.60 -0.90
C LEU A 257 -8.08 0.47 0.10
N GLN A 258 -8.05 0.76 1.40
CA GLN A 258 -8.41 -0.24 2.41
C GLN A 258 -9.80 -0.80 2.11
N ASP A 259 -10.73 0.09 1.81
CA ASP A 259 -12.12 -0.33 1.59
CA ASP A 259 -12.13 -0.31 1.58
C ASP A 259 -12.25 -1.18 0.33
N LEU A 260 -11.60 -0.78 -0.75
CA LEU A 260 -11.65 -1.57 -1.98
C LEU A 260 -11.02 -2.95 -1.79
N ASN A 261 -9.87 -3.01 -1.11
CA ASN A 261 -9.25 -4.27 -0.80
C ASN A 261 -10.15 -5.16 0.04
N ALA A 262 -10.82 -4.58 1.02
CA ALA A 262 -11.73 -5.30 1.91
C ALA A 262 -12.90 -5.90 1.12
N ARG A 263 -13.37 -5.17 0.13
CA ARG A 263 -14.48 -5.72 -0.66
CA ARG A 263 -14.48 -5.70 -0.67
C ARG A 263 -14.14 -7.01 -1.34
N VAL A 264 -12.90 -7.10 -1.78
CA VAL A 264 -12.39 -8.32 -2.39
C VAL A 264 -12.05 -9.38 -1.32
N GLN A 265 -11.21 -9.01 -0.35
CA GLN A 265 -10.66 -10.03 0.54
CA GLN A 265 -10.62 -9.92 0.66
C GLN A 265 -11.55 -10.36 1.76
N VAL A 266 -12.51 -9.50 2.09
CA VAL A 266 -13.45 -9.78 3.17
C VAL A 266 -14.85 -9.99 2.60
N GLY A 267 -15.29 -9.10 1.72
CA GLY A 267 -16.58 -9.22 1.07
C GLY A 267 -16.71 -10.30 0.01
N GLY A 268 -15.58 -10.79 -0.50
CA GLY A 268 -15.59 -11.81 -1.53
C GLY A 268 -16.02 -11.35 -2.91
N GLU A 269 -15.99 -10.04 -3.15
CA GLU A 269 -16.33 -9.49 -4.47
C GLU A 269 -15.19 -9.69 -5.46
N GLN A 270 -15.52 -9.74 -6.75
CA GLN A 270 -14.52 -9.81 -7.81
C GLN A 270 -13.85 -8.44 -7.95
N ALA A 271 -12.54 -8.44 -8.15
CA ALA A 271 -11.80 -7.19 -8.30
C ALA A 271 -12.30 -6.36 -9.48
N LYS A 272 -12.69 -7.02 -10.57
CA LYS A 272 -13.24 -6.32 -11.73
C LYS A 272 -14.46 -5.47 -11.32
N THR A 273 -15.36 -6.06 -10.54
CA THR A 273 -16.58 -5.40 -10.08
C THR A 273 -16.28 -4.24 -9.14
N VAL A 274 -15.37 -4.49 -8.20
CA VAL A 274 -14.95 -3.46 -7.27
C VAL A 274 -14.32 -2.26 -7.99
N ALA A 275 -13.47 -2.53 -8.98
CA ALA A 275 -12.84 -1.49 -9.76
C ALA A 275 -13.87 -0.65 -10.52
N MSE A 276 -14.79 -1.33 -11.21
CA MSE A 276 -15.83 -0.61 -11.96
C MSE A 276 -16.72 0.24 -11.06
O MSE A 276 -17.04 1.38 -11.42
CB MSE A 276 -16.68 -1.59 -12.78
CG MSE A 276 -17.55 -0.91 -13.83
SE MSE A 276 -16.48 0.07 -15.16
CE MSE A 276 -15.52 -1.42 -15.90
N ASP A 277 -17.12 -0.29 -9.91
CA ASP A 277 -17.92 0.46 -8.94
C ASP A 277 -17.17 1.71 -8.45
N PHE A 278 -15.87 1.59 -8.19
CA PHE A 278 -15.07 2.74 -7.79
C PHE A 278 -15.05 3.82 -8.87
N LEU A 279 -14.87 3.39 -10.11
CA LEU A 279 -14.80 4.32 -11.23
C LEU A 279 -16.15 4.99 -11.48
N THR A 280 -17.23 4.22 -11.48
CA THR A 280 -18.57 4.78 -11.73
CA THR A 280 -18.58 4.76 -11.72
C THR A 280 -18.96 5.75 -10.62
N LYS A 281 -18.67 5.39 -9.37
CA LYS A 281 -18.96 6.25 -8.22
C LYS A 281 -18.24 7.61 -8.29
N ASN A 282 -17.07 7.63 -8.93
CA ASN A 282 -16.25 8.83 -8.99
C ASN A 282 -16.23 9.49 -10.37
N GLY A 283 -17.10 9.04 -11.27
CA GLY A 283 -17.31 9.68 -12.57
C GLY A 283 -16.28 9.37 -13.64
N PHE A 284 -15.52 8.29 -13.46
CA PHE A 284 -14.45 7.90 -14.38
C PHE A 284 -14.89 6.81 -15.35
N ALA A 285 -16.10 6.29 -15.16
CA ALA A 285 -16.65 5.28 -16.06
C ALA A 285 -18.17 5.38 -16.05
N LYS A 286 -18.78 4.75 -17.06
CA LYS A 286 -20.23 4.59 -17.09
C LYS A 286 -20.59 3.24 -17.72
C1 BTB B . 7.07 -4.58 0.05
O1 BTB B . 6.43 -5.44 -0.91
C2 BTB B . 6.12 -4.27 1.20
C3 BTB B . 6.07 -5.51 2.10
O3 BTB B . 7.37 -5.85 2.58
C4 BTB B . 6.69 -3.07 1.96
O4 BTB B . 5.88 -2.71 3.09
N BTB B . 4.75 -4.01 0.63
C5 BTB B . 3.65 -3.90 1.65
C6 BTB B . 2.45 -4.80 1.35
O6 BTB B . 2.87 -6.12 0.99
C7 BTB B . 4.72 -2.82 -0.27
C8 BTB B . 3.45 -2.79 -1.12
O8 BTB B . 3.22 -4.07 -1.73
CL CL C . -3.57 8.76 1.86
#